data_3PI7
#
_entry.id   3PI7
#
_cell.length_a   140.301
_cell.length_b   39.969
_cell.length_c   56.173
_cell.angle_alpha   90.000
_cell.angle_beta   90.340
_cell.angle_gamma   90.000
#
_symmetry.space_group_name_H-M   'C 1 2 1'
#
loop_
_entity.id
_entity.type
_entity.pdbx_description
1 polymer 'NADH oxidoreductase'
2 non-polymer GLYCEROL
3 non-polymer 'PHOSPHATE ION'
4 non-polymer 'POTASSIUM ION'
5 water water
#
_entity_poly.entity_id   1
_entity_poly.type   'polypeptide(L)'
_entity_poly.pdbx_seq_one_letter_code
;G(MSE)SP(MSE)TIPSE(MSE)KALLLVGDGYTKTPSGSALEA(MSE)EPYLEQGRIAVPAPGPSQVLIKVNLASINPS
DVAFIKGQYGQPRVKGRPAGFEGVGTIVAGGDEPYAKSLVGKRVAFATGLSNWGSWAEYAVAEAAACIPLLDTVRDEDGA
A(MSE)IVNPLTAIA(MSE)FDIVKQEGEKAFV(MSE)TAGASQLCKLIIGLAKEEGFRPIVTVRRDEQIALLKDIGAAH
VLNEKAPDFEATLREV(MSE)KAEQPRIFLDAVTGPLASAIFNA(MSE)PKRARWIIYGRLDPDATVIREPGQLIFQHKH
IEGFWLSEW(MSE)RQFKERRGPAILEAQKRFSDGRWSTDVTAVVPLAEAIAWVPAELTKPNGKVFIRP
;
_entity_poly.pdbx_strand_id   A
#
loop_
_chem_comp.id
_chem_comp.type
_chem_comp.name
_chem_comp.formula
GOL non-polymer GLYCEROL 'C3 H8 O3'
K non-polymer 'POTASSIUM ION' 'K 1'
PO4 non-polymer 'PHOSPHATE ION' 'O4 P -3'
#
# COMPACT_ATOMS: atom_id res chain seq x y z
N MSE A 5 -5.27 -31.41 13.17
CA MSE A 5 -5.98 -30.45 14.03
C MSE A 5 -7.34 -30.07 13.46
O MSE A 5 -7.55 -30.13 12.25
CB MSE A 5 -5.14 -29.22 14.33
CG MSE A 5 -4.20 -29.45 15.52
SE MSE A 5 -3.74 -27.81 16.51
CE MSE A 5 -2.97 -26.78 15.00
N THR A 6 -8.29 -29.73 14.35
CA THR A 6 -9.65 -29.38 13.98
C THR A 6 -9.73 -27.99 13.44
N ILE A 7 -9.93 -27.92 12.13
CA ILE A 7 -10.07 -26.69 11.35
CA ILE A 7 -10.13 -26.66 11.42
C ILE A 7 -11.29 -26.89 10.46
N PRO A 8 -12.15 -25.87 10.20
CA PRO A 8 -13.29 -26.11 9.28
C PRO A 8 -12.80 -26.63 7.92
N SER A 9 -13.66 -27.36 7.23
CA SER A 9 -13.27 -27.78 5.91
C SER A 9 -13.87 -26.85 4.85
N GLU A 10 -14.82 -25.98 5.24
CA GLU A 10 -15.46 -25.04 4.32
C GLU A 10 -15.37 -23.64 4.90
N MSE A 11 -15.33 -22.64 4.03
CA MSE A 11 -15.27 -21.25 4.50
C MSE A 11 -15.95 -20.29 3.54
O MSE A 11 -16.13 -20.61 2.35
CB MSE A 11 -13.80 -20.81 4.65
CG MSE A 11 -13.02 -20.85 3.30
SE MSE A 11 -11.29 -20.15 3.47
CE MSE A 11 -10.83 -20.08 1.66
N LYS A 12 -16.33 -19.11 4.03
CA LYS A 12 -16.84 -18.07 3.15
C LYS A 12 -15.64 -17.23 2.71
N ALA A 13 -15.71 -16.68 1.49
CA ALA A 13 -14.63 -15.91 0.91
C ALA A 13 -15.15 -15.04 -0.21
N LEU A 14 -14.36 -14.03 -0.63
CA LEU A 14 -14.67 -13.14 -1.77
C LEU A 14 -13.78 -13.62 -2.89
N LEU A 15 -14.38 -14.38 -3.82
CA LEU A 15 -13.67 -15.08 -4.87
C LEU A 15 -13.51 -14.29 -6.13
N LEU A 16 -12.32 -14.37 -6.72
CA LEU A 16 -12.04 -13.70 -7.99
C LEU A 16 -12.91 -14.26 -9.11
N VAL A 17 -13.54 -13.36 -9.87
CA VAL A 17 -14.37 -13.73 -11.00
C VAL A 17 -13.48 -13.75 -12.24
N GLY A 18 -12.52 -12.84 -12.26
CA GLY A 18 -11.57 -12.72 -13.37
C GLY A 18 -10.40 -13.65 -13.24
N ASP A 19 -9.80 -13.97 -14.38
CA ASP A 19 -8.60 -14.79 -14.46
C ASP A 19 -7.49 -13.98 -15.13
N GLY A 20 -6.23 -14.25 -14.73
CA GLY A 20 -5.08 -13.57 -15.32
C GLY A 20 -5.18 -12.07 -15.22
N TYR A 21 -4.90 -11.39 -16.35
CA TYR A 21 -4.96 -9.94 -16.45
C TYR A 21 -6.14 -9.54 -17.30
N THR A 22 -6.58 -8.30 -17.17
CA THR A 22 -7.72 -7.89 -17.96
C THR A 22 -7.33 -7.45 -19.36
N LYS A 23 -8.28 -7.63 -20.30
CA LYS A 23 -8.13 -7.23 -21.69
C LYS A 23 -8.84 -5.88 -21.88
N THR A 24 -9.63 -5.47 -20.87
CA THR A 24 -10.40 -4.24 -20.89
C THR A 24 -10.11 -3.43 -19.59
N PRO A 25 -8.91 -2.80 -19.44
CA PRO A 25 -8.64 -2.08 -18.17
C PRO A 25 -9.59 -0.90 -17.98
N SER A 26 -9.97 -0.61 -16.73
CA SER A 26 -10.95 0.43 -16.45
C SER A 26 -10.54 1.39 -15.33
N GLY A 27 -9.27 1.77 -15.29
CA GLY A 27 -8.78 2.72 -14.30
C GLY A 27 -8.71 2.15 -12.89
N SER A 28 -8.55 3.04 -11.91
CA SER A 28 -8.34 2.67 -10.53
C SER A 28 -9.56 2.78 -9.61
N ALA A 29 -10.64 3.44 -10.04
CA ALA A 29 -11.86 3.56 -9.24
C ALA A 29 -12.58 2.22 -9.17
N LEU A 30 -13.07 1.88 -7.99
CA LEU A 30 -13.83 0.65 -7.81
C LEU A 30 -15.29 1.04 -7.72
N GLU A 31 -15.95 0.95 -8.85
CA GLU A 31 -17.32 1.34 -9.05
C GLU A 31 -18.29 0.29 -8.47
N ALA A 32 -17.89 -0.99 -8.52
CA ALA A 32 -18.66 -2.13 -8.05
C ALA A 32 -17.74 -3.32 -7.79
N MSE A 33 -18.17 -4.23 -6.89
CA MSE A 33 -17.39 -5.44 -6.60
C MSE A 33 -17.83 -6.61 -7.48
O MSE A 33 -17.02 -7.47 -7.81
CB MSE A 33 -17.55 -5.83 -5.13
CG MSE A 33 -16.99 -4.82 -4.19
SE MSE A 33 -15.21 -5.18 -3.73
CE MSE A 33 -15.42 -6.34 -2.20
N GLU A 34 -19.14 -6.66 -7.84
CA GLU A 34 -19.75 -7.78 -8.56
C GLU A 34 -19.08 -8.14 -9.87
N PRO A 35 -18.45 -7.23 -10.65
CA PRO A 35 -17.76 -7.71 -11.87
C PRO A 35 -16.50 -8.52 -11.55
N TYR A 36 -15.97 -8.33 -10.34
CA TYR A 36 -14.64 -8.83 -9.96
C TYR A 36 -14.62 -9.87 -8.89
N LEU A 37 -15.63 -9.86 -8.01
CA LEU A 37 -15.63 -10.78 -6.89
C LEU A 37 -17.02 -11.30 -6.65
N GLU A 38 -17.08 -12.53 -6.16
CA GLU A 38 -18.35 -13.13 -5.79
C GLU A 38 -18.17 -13.77 -4.43
N GLN A 39 -19.18 -13.60 -3.59
CA GLN A 39 -19.15 -14.22 -2.27
C GLN A 39 -19.46 -15.68 -2.49
N GLY A 40 -18.65 -16.55 -1.91
CA GLY A 40 -18.91 -17.98 -2.06
C GLY A 40 -18.45 -18.76 -0.87
N ARG A 41 -18.82 -20.03 -0.84
CA ARG A 41 -18.39 -20.96 0.19
C ARG A 41 -17.50 -21.94 -0.53
N ILE A 42 -16.25 -22.09 -0.10
CA ILE A 42 -15.30 -22.95 -0.76
C ILE A 42 -14.52 -23.76 0.27
N ALA A 43 -13.82 -24.79 -0.18
CA ALA A 43 -12.99 -25.59 0.69
C ALA A 43 -11.85 -24.76 1.27
N VAL A 44 -11.54 -25.01 2.54
CA VAL A 44 -10.43 -24.37 3.19
C VAL A 44 -9.14 -24.98 2.59
N PRO A 45 -8.21 -24.14 2.10
CA PRO A 45 -6.98 -24.69 1.52
C PRO A 45 -6.04 -25.30 2.57
N ALA A 46 -5.13 -26.13 2.10
CA ALA A 46 -4.07 -26.72 2.91
C ALA A 46 -2.75 -25.97 2.63
N PRO A 47 -2.03 -25.56 3.68
CA PRO A 47 -0.74 -24.87 3.46
C PRO A 47 0.30 -25.83 2.94
N GLY A 48 1.17 -25.32 2.08
CA GLY A 48 2.31 -26.06 1.56
C GLY A 48 3.38 -26.15 2.63
N PRO A 49 4.49 -26.84 2.36
CA PRO A 49 5.53 -27.03 3.41
C PRO A 49 6.05 -25.77 4.10
N SER A 50 6.22 -24.65 3.36
CA SER A 50 6.76 -23.38 3.87
C SER A 50 5.67 -22.38 4.25
N GLN A 51 4.40 -22.82 4.22
CA GLN A 51 3.26 -21.93 4.41
C GLN A 51 2.48 -22.19 5.68
N VAL A 52 1.64 -21.21 6.03
CA VAL A 52 0.77 -21.29 7.16
C VAL A 52 -0.64 -20.96 6.74
N LEU A 53 -1.59 -21.56 7.45
CA LEU A 53 -3.01 -21.31 7.23
C LEU A 53 -3.44 -20.40 8.36
N ILE A 54 -3.95 -19.23 7.99
CA ILE A 54 -4.34 -18.23 8.97
C ILE A 54 -5.85 -18.07 9.04
N LYS A 55 -6.40 -18.07 10.28
CA LYS A 55 -7.78 -17.75 10.54
C LYS A 55 -7.82 -16.25 10.59
N VAL A 56 -8.38 -15.63 9.54
CA VAL A 56 -8.36 -14.18 9.39
C VAL A 56 -9.30 -13.48 10.34
N ASN A 57 -8.73 -12.51 11.08
CA ASN A 57 -9.49 -11.68 11.99
CA ASN A 57 -9.46 -11.66 12.01
C ASN A 57 -9.97 -10.43 11.25
N LEU A 58 -9.05 -9.74 10.55
CA LEU A 58 -9.33 -8.52 9.80
CA LEU A 58 -9.37 -8.56 9.78
C LEU A 58 -8.47 -8.50 8.56
N ALA A 59 -9.01 -8.04 7.44
CA ALA A 59 -8.20 -7.94 6.23
C ALA A 59 -8.23 -6.49 5.76
N SER A 60 -7.11 -5.97 5.31
CA SER A 60 -7.05 -4.62 4.77
C SER A 60 -7.53 -4.59 3.34
N ILE A 61 -7.89 -3.40 2.87
CA ILE A 61 -8.17 -3.13 1.47
C ILE A 61 -7.19 -2.05 1.05
N ASN A 62 -6.28 -2.37 0.14
CA ASN A 62 -5.29 -1.40 -0.35
C ASN A 62 -5.48 -1.11 -1.82
N PRO A 63 -4.93 -0.01 -2.37
CA PRO A 63 -5.06 0.23 -3.83
C PRO A 63 -4.56 -0.97 -4.65
N SER A 64 -3.50 -1.69 -4.16
CA SER A 64 -3.00 -2.88 -4.85
C SER A 64 -4.11 -3.96 -4.95
N ASP A 65 -4.98 -4.12 -3.93
CA ASP A 65 -6.09 -5.11 -4.04
C ASP A 65 -7.08 -4.72 -5.14
N VAL A 66 -7.45 -3.44 -5.21
CA VAL A 66 -8.39 -2.93 -6.21
C VAL A 66 -7.81 -3.19 -7.60
N ALA A 67 -6.53 -2.85 -7.81
CA ALA A 67 -5.88 -3.07 -9.11
C ALA A 67 -5.84 -4.56 -9.41
N PHE A 68 -5.51 -5.38 -8.39
CA PHE A 68 -5.39 -6.80 -8.60
C PHE A 68 -6.71 -7.45 -9.01
N ILE A 69 -7.83 -7.15 -8.33
CA ILE A 69 -9.11 -7.83 -8.65
C ILE A 69 -9.59 -7.42 -10.06
N LYS A 70 -9.18 -6.23 -10.49
CA LYS A 70 -9.52 -5.69 -11.80
C LYS A 70 -8.63 -6.28 -12.89
N GLY A 71 -7.64 -7.09 -12.52
CA GLY A 71 -6.67 -7.68 -13.45
C GLY A 71 -5.67 -6.66 -13.99
N GLN A 72 -5.46 -5.59 -13.23
CA GLN A 72 -4.64 -4.42 -13.56
C GLN A 72 -3.39 -4.30 -12.69
N TYR A 73 -3.06 -5.36 -11.95
CA TYR A 73 -1.88 -5.35 -11.08
C TYR A 73 -0.75 -6.16 -11.73
N GLY A 74 0.44 -6.16 -11.12
CA GLY A 74 1.57 -6.90 -11.65
C GLY A 74 1.62 -8.34 -11.23
N GLN A 75 0.46 -8.92 -10.89
CA GLN A 75 0.31 -10.31 -10.49
C GLN A 75 -0.97 -10.82 -11.09
N PRO A 76 -1.01 -11.99 -11.75
CA PRO A 76 -2.26 -12.41 -12.36
C PRO A 76 -3.26 -13.00 -11.35
N ARG A 77 -4.52 -12.88 -11.68
CA ARG A 77 -5.61 -13.44 -10.88
C ARG A 77 -5.71 -14.93 -11.13
N VAL A 78 -6.08 -15.68 -10.10
CA VAL A 78 -6.43 -17.09 -10.28
C VAL A 78 -7.95 -17.13 -10.02
N LYS A 79 -8.74 -17.27 -11.08
CA LYS A 79 -10.20 -17.31 -10.95
C LYS A 79 -10.62 -18.30 -9.87
N GLY A 80 -11.53 -17.87 -9.03
CA GLY A 80 -12.11 -18.70 -7.98
C GLY A 80 -11.35 -18.67 -6.67
N ARG A 81 -10.21 -17.96 -6.61
CA ARG A 81 -9.49 -17.84 -5.36
C ARG A 81 -9.90 -16.58 -4.64
N PRO A 82 -9.84 -16.59 -3.31
CA PRO A 82 -10.09 -15.36 -2.56
C PRO A 82 -8.99 -14.35 -2.85
N ALA A 83 -9.40 -13.11 -3.04
CA ALA A 83 -8.49 -11.97 -3.21
C ALA A 83 -8.06 -11.47 -1.80
N GLY A 84 -7.24 -10.41 -1.75
CA GLY A 84 -6.81 -9.81 -0.50
C GLY A 84 -5.36 -10.10 -0.24
N PHE A 85 -4.57 -9.06 -0.16
CA PHE A 85 -3.13 -9.27 0.01
C PHE A 85 -2.67 -9.30 1.44
N GLU A 86 -3.36 -8.63 2.37
CA GLU A 86 -2.87 -8.62 3.74
C GLU A 86 -3.97 -8.67 4.80
N GLY A 87 -3.57 -9.02 6.00
CA GLY A 87 -4.49 -8.99 7.12
C GLY A 87 -3.81 -9.36 8.40
N VAL A 88 -4.64 -9.67 9.37
CA VAL A 88 -4.17 -10.13 10.66
C VAL A 88 -5.02 -11.35 11.02
N GLY A 89 -4.39 -12.29 11.68
CA GLY A 89 -5.13 -13.44 12.13
C GLY A 89 -4.28 -14.38 12.92
N THR A 90 -4.84 -15.54 13.24
CA THR A 90 -4.12 -16.52 14.05
C THR A 90 -3.80 -17.71 13.19
N ILE A 91 -2.56 -18.19 13.28
CA ILE A 91 -2.16 -19.38 12.50
C ILE A 91 -2.73 -20.64 13.15
N VAL A 92 -3.51 -21.41 12.37
CA VAL A 92 -4.20 -22.59 12.88
C VAL A 92 -3.57 -23.85 12.31
N ALA A 93 -2.75 -23.74 11.27
CA ALA A 93 -2.04 -24.90 10.69
C ALA A 93 -0.82 -24.42 9.94
N GLY A 94 0.18 -25.28 9.81
CA GLY A 94 1.38 -24.94 9.07
C GLY A 94 1.84 -26.14 8.27
N GLY A 95 2.61 -25.90 7.22
CA GLY A 95 3.29 -26.94 6.48
C GLY A 95 4.35 -27.56 7.36
N ASP A 96 4.98 -28.65 6.92
CA ASP A 96 5.92 -29.42 7.73
C ASP A 96 7.27 -28.74 7.99
N GLU A 97 7.58 -27.63 7.33
CA GLU A 97 8.87 -26.99 7.57
C GLU A 97 8.85 -26.32 8.95
N PRO A 98 9.98 -26.37 9.69
CA PRO A 98 10.00 -25.84 11.06
C PRO A 98 9.53 -24.40 11.21
N TYR A 99 9.91 -23.51 10.30
CA TYR A 99 9.46 -22.10 10.39
C TYR A 99 7.91 -22.06 10.45
N ALA A 100 7.25 -22.80 9.53
CA ALA A 100 5.77 -22.83 9.47
C ALA A 100 5.22 -23.47 10.75
N LYS A 101 5.77 -24.62 11.17
CA LYS A 101 5.27 -25.30 12.39
C LYS A 101 5.43 -24.48 13.65
N SER A 102 6.52 -23.71 13.77
CA SER A 102 6.78 -22.90 14.95
C SER A 102 5.85 -21.71 15.08
N LEU A 103 5.21 -21.32 13.97
CA LEU A 103 4.29 -20.19 14.00
C LEU A 103 2.89 -20.60 14.41
N VAL A 104 2.59 -21.91 14.40
CA VAL A 104 1.21 -22.33 14.71
C VAL A 104 0.77 -21.81 16.10
N GLY A 105 -0.42 -21.18 16.13
CA GLY A 105 -0.99 -20.61 17.35
C GLY A 105 -0.71 -19.13 17.48
N LYS A 106 0.25 -18.59 16.69
CA LYS A 106 0.63 -17.20 16.83
C LYS A 106 -0.27 -16.31 16.05
N ARG A 107 -0.53 -15.13 16.61
CA ARG A 107 -1.31 -14.10 15.98
C ARG A 107 -0.32 -13.29 15.14
N VAL A 108 -0.60 -13.16 13.86
CA VAL A 108 0.34 -12.55 12.94
C VAL A 108 -0.30 -11.54 12.03
N ALA A 109 0.50 -10.58 11.61
CA ALA A 109 0.18 -9.74 10.46
C ALA A 109 0.68 -10.56 9.29
N PHE A 110 -0.05 -10.60 8.17
CA PHE A 110 0.46 -11.44 7.09
C PHE A 110 0.22 -10.82 5.73
N ALA A 111 1.03 -11.25 4.75
CA ALA A 111 0.92 -10.85 3.36
C ALA A 111 0.81 -12.15 2.58
N THR A 112 -0.23 -12.28 1.78
CA THR A 112 -0.47 -13.55 1.06
C THR A 112 0.41 -13.71 -0.15
N GLY A 113 0.94 -12.60 -0.69
CA GLY A 113 1.84 -12.59 -1.82
C GLY A 113 1.33 -13.40 -2.98
N LEU A 114 2.04 -14.45 -3.33
CA LEU A 114 1.71 -15.32 -4.46
C LEU A 114 1.03 -16.61 -4.00
N SER A 115 0.54 -16.66 -2.77
CA SER A 115 -0.07 -17.93 -2.31
C SER A 115 -1.35 -18.29 -3.08
N ASN A 116 -2.04 -17.26 -3.63
CA ASN A 116 -3.31 -17.41 -4.34
C ASN A 116 -4.42 -17.97 -3.40
N TRP A 117 -4.32 -17.62 -2.10
CA TRP A 117 -5.32 -17.84 -1.05
C TRP A 117 -5.34 -16.58 -0.22
N GLY A 118 -6.10 -15.61 -0.72
CA GLY A 118 -6.12 -14.26 -0.18
C GLY A 118 -6.73 -14.06 1.18
N SER A 119 -6.54 -12.85 1.70
CA SER A 119 -7.04 -12.53 3.03
C SER A 119 -8.55 -12.25 3.09
N TRP A 120 -9.25 -12.09 1.97
CA TRP A 120 -10.70 -11.76 1.97
C TRP A 120 -11.48 -13.08 2.03
N ALA A 121 -11.26 -13.79 3.14
CA ALA A 121 -11.68 -15.14 3.38
C ALA A 121 -11.56 -15.44 4.83
N GLU A 122 -12.27 -16.46 5.30
CA GLU A 122 -12.16 -16.85 6.69
C GLU A 122 -10.77 -17.39 7.02
N TYR A 123 -10.11 -18.01 6.06
CA TYR A 123 -8.77 -18.58 6.16
C TYR A 123 -7.97 -18.19 4.94
N ALA A 124 -6.72 -17.76 5.17
CA ALA A 124 -5.81 -17.37 4.08
C ALA A 124 -4.55 -18.18 4.19
N VAL A 125 -3.77 -18.24 3.12
CA VAL A 125 -2.49 -18.93 3.16
C VAL A 125 -1.40 -17.90 2.92
N ALA A 126 -0.34 -17.95 3.73
CA ALA A 126 0.81 -17.09 3.51
C ALA A 126 2.06 -17.90 3.70
N GLU A 127 3.16 -17.44 3.13
CA GLU A 127 4.48 -18.02 3.44
C GLU A 127 4.77 -17.71 4.89
N ALA A 128 5.43 -18.66 5.61
CA ALA A 128 5.82 -18.37 7.00
C ALA A 128 6.63 -17.08 7.05
N ALA A 129 7.50 -16.89 6.04
CA ALA A 129 8.38 -15.72 5.93
C ALA A 129 7.61 -14.43 5.68
N ALA A 130 6.30 -14.51 5.35
CA ALA A 130 5.52 -13.31 5.06
C ALA A 130 4.63 -12.95 6.25
N CYS A 131 4.92 -13.55 7.42
CA CYS A 131 4.16 -13.32 8.64
C CYS A 131 4.96 -12.60 9.64
N ILE A 132 4.29 -11.74 10.40
CA ILE A 132 4.98 -11.03 11.48
C ILE A 132 4.25 -11.38 12.75
N PRO A 133 4.83 -12.23 13.63
CA PRO A 133 4.15 -12.51 14.89
C PRO A 133 4.02 -11.20 15.66
N LEU A 134 2.82 -10.91 16.09
CA LEU A 134 2.66 -9.66 16.77
C LEU A 134 3.04 -9.79 18.21
N LEU A 135 3.60 -8.71 18.77
N LEU A 135 3.60 -8.70 18.78
CA LEU A 135 3.90 -8.63 20.19
CA LEU A 135 3.90 -8.62 20.21
C LEU A 135 2.57 -8.85 20.92
C LEU A 135 2.58 -8.81 20.94
N ASP A 136 2.60 -9.56 22.06
CA ASP A 136 1.38 -9.92 22.82
C ASP A 136 0.48 -8.73 23.18
N THR A 137 1.06 -7.53 23.33
CA THR A 137 0.36 -6.29 23.71
C THR A 137 -0.02 -5.39 22.50
N VAL A 138 0.31 -5.80 21.27
CA VAL A 138 -0.06 -5.01 20.08
C VAL A 138 -1.54 -5.25 19.74
N ARG A 139 -2.21 -4.22 19.18
CA ARG A 139 -3.62 -4.28 18.76
C ARG A 139 -3.77 -5.07 17.53
N ASP A 140 -4.89 -5.78 17.43
CA ASP A 140 -5.28 -6.56 16.25
C ASP A 140 -5.45 -5.63 15.03
N GLU A 141 -6.08 -4.31 15.33
N GLU A 141 -6.13 -4.46 15.18
CA GLU A 141 -6.37 -3.34 14.26
CA GLU A 141 -6.34 -3.51 14.07
C GLU A 141 -5.07 -2.77 13.64
C GLU A 141 -5.01 -2.91 13.54
N ASP A 142 -3.96 -2.83 14.40
CA ASP A 142 -2.65 -2.34 13.94
C ASP A 142 -2.02 -3.44 13.04
N GLY A 143 -2.25 -4.68 13.44
CA GLY A 143 -1.77 -5.86 12.72
C GLY A 143 -2.32 -6.01 11.31
N ALA A 144 -3.58 -5.64 11.04
CA ALA A 144 -4.18 -5.89 9.73
C ALA A 144 -3.59 -5.03 8.64
N ALA A 145 -2.98 -3.90 8.99
CA ALA A 145 -2.38 -2.99 8.02
C ALA A 145 -0.90 -2.70 8.36
N MSE A 146 -0.26 -3.64 9.08
CA MSE A 146 1.13 -3.47 9.53
CA MSE A 146 1.13 -3.60 9.53
C MSE A 146 2.15 -3.70 8.42
O MSE A 146 3.28 -3.22 8.54
CB MSE A 146 1.42 -4.40 10.74
CB MSE A 146 1.34 -4.79 10.49
CG MSE A 146 2.83 -4.23 11.34
CG MSE A 146 2.71 -4.85 11.09
SE MSE A 146 3.24 -5.47 12.78
SE MSE A 146 2.91 -3.20 12.04
CE MSE A 146 2.17 -4.57 14.16
CE MSE A 146 2.37 -3.95 13.80
N ILE A 147 1.83 -4.43 7.36
CA ILE A 147 2.85 -4.71 6.36
C ILE A 147 2.92 -3.78 5.17
N VAL A 148 1.90 -3.72 4.31
CA VAL A 148 1.99 -3.06 3.01
C VAL A 148 2.35 -1.60 3.12
N ASN A 149 1.52 -0.79 3.80
CA ASN A 149 1.82 0.63 3.85
C ASN A 149 2.98 0.95 4.78
N PRO A 150 3.09 0.39 6.00
CA PRO A 150 4.23 0.74 6.86
C PRO A 150 5.59 0.37 6.27
N LEU A 151 5.72 -0.82 5.65
CA LEU A 151 7.04 -1.19 5.12
C LEU A 151 7.34 -0.42 3.86
N THR A 152 6.32 -0.10 3.04
CA THR A 152 6.56 0.74 1.86
C THR A 152 6.97 2.14 2.32
N ALA A 153 6.34 2.64 3.41
CA ALA A 153 6.67 3.99 3.90
C ALA A 153 8.10 4.02 4.38
N ILE A 154 8.52 3.02 5.12
CA ILE A 154 9.90 2.99 5.62
C ILE A 154 10.85 2.92 4.47
N ALA A 155 10.61 1.98 3.55
CA ALA A 155 11.53 1.77 2.44
C ALA A 155 11.64 3.01 1.54
N MSE A 156 10.51 3.66 1.23
CA MSE A 156 10.54 4.82 0.34
C MSE A 156 11.02 6.06 1.06
O MSE A 156 11.74 6.86 0.47
CB MSE A 156 9.18 5.03 -0.33
CG MSE A 156 8.85 3.90 -1.32
SE MSE A 156 7.48 4.38 -2.65
CE MSE A 156 6.42 5.18 -1.36
N PHE A 157 10.71 6.21 2.34
CA PHE A 157 11.22 7.35 3.06
C PHE A 157 12.77 7.23 3.17
N ASP A 158 13.32 5.97 3.21
CA ASP A 158 14.77 5.73 3.25
CA ASP A 158 14.77 5.75 3.26
C ASP A 158 15.41 6.33 1.97
N ILE A 159 14.69 6.26 0.82
CA ILE A 159 15.19 6.84 -0.45
C ILE A 159 15.30 8.35 -0.28
N VAL A 160 14.25 8.97 0.28
CA VAL A 160 14.25 10.41 0.53
C VAL A 160 15.43 10.79 1.44
N LYS A 161 15.60 10.06 2.54
CA LYS A 161 16.69 10.34 3.48
C LYS A 161 18.06 10.20 2.86
N GLN A 162 18.28 9.13 2.07
CA GLN A 162 19.56 8.90 1.42
CA GLN A 162 19.55 8.89 1.39
C GLN A 162 19.87 9.98 0.37
N GLU A 163 18.83 10.56 -0.24
CA GLU A 163 19.05 11.63 -1.20
C GLU A 163 19.51 12.89 -0.46
N GLY A 164 19.01 13.09 0.78
CA GLY A 164 19.45 14.18 1.65
C GLY A 164 18.78 15.53 1.51
N GLU A 165 17.96 15.73 0.48
CA GLU A 165 17.22 16.97 0.28
C GLU A 165 16.01 16.97 1.21
N LYS A 166 15.78 18.06 1.99
CA LYS A 166 14.68 18.07 2.93
C LYS A 166 13.32 17.99 2.23
N ALA A 167 13.15 18.69 1.11
CA ALA A 167 11.87 18.64 0.41
C ALA A 167 11.77 17.45 -0.52
N PHE A 168 10.56 16.86 -0.62
CA PHE A 168 10.31 15.77 -1.54
C PHE A 168 8.86 15.85 -1.96
N VAL A 169 8.50 15.20 -3.06
CA VAL A 169 7.15 15.34 -3.61
C VAL A 169 6.43 14.02 -3.60
N MSE A 170 5.10 14.08 -3.41
CA MSE A 170 4.26 12.90 -3.48
C MSE A 170 2.93 13.24 -4.10
O MSE A 170 2.30 14.21 -3.72
CB MSE A 170 3.99 12.30 -2.08
CG MSE A 170 5.24 11.67 -1.51
SE MSE A 170 4.86 10.69 0.09
CE MSE A 170 4.40 12.19 1.24
N THR A 171 2.49 12.42 -5.07
CA THR A 171 1.12 12.53 -5.57
C THR A 171 0.21 11.65 -4.69
N ALA A 172 -1.13 11.83 -4.77
CA ALA A 172 -2.12 11.10 -3.95
C ALA A 172 -1.81 11.34 -2.49
N GLY A 173 -1.62 12.62 -2.17
CA GLY A 173 -1.24 13.05 -0.83
C GLY A 173 -2.12 12.56 0.31
N ALA A 174 -3.40 12.34 0.05
CA ALA A 174 -4.29 11.92 1.13
C ALA A 174 -4.33 10.42 1.36
N SER A 175 -3.57 9.62 0.60
CA SER A 175 -3.59 8.16 0.76
C SER A 175 -2.98 7.76 2.10
N GLN A 176 -3.38 6.59 2.67
CA GLN A 176 -2.80 6.15 3.94
C GLN A 176 -1.25 6.10 3.89
N LEU A 177 -0.70 5.59 2.79
CA LEU A 177 0.74 5.48 2.62
C LEU A 177 1.42 6.88 2.73
N CYS A 178 0.88 7.86 1.99
CA CYS A 178 1.44 9.21 2.01
CA CYS A 178 1.40 9.22 2.00
C CYS A 178 1.36 9.79 3.41
N LYS A 179 0.25 9.52 4.13
CA LYS A 179 0.12 10.02 5.49
C LYS A 179 1.18 9.40 6.40
N LEU A 180 1.52 8.10 6.24
CA LEU A 180 2.59 7.51 7.05
C LEU A 180 3.95 8.19 6.74
N ILE A 181 4.22 8.42 5.46
CA ILE A 181 5.50 9.05 5.04
C ILE A 181 5.56 10.47 5.55
N ILE A 182 4.43 11.20 5.48
CA ILE A 182 4.37 12.59 5.98
C ILE A 182 4.79 12.61 7.48
N GLY A 183 4.25 11.67 8.27
CA GLY A 183 4.58 11.50 9.69
C GLY A 183 6.05 11.27 9.94
N LEU A 184 6.67 10.34 9.20
CA LEU A 184 8.11 10.07 9.24
C LEU A 184 8.92 11.32 8.91
N ALA A 185 8.50 12.02 7.84
CA ALA A 185 9.16 13.23 7.38
C ALA A 185 9.15 14.29 8.45
N LYS A 186 8.01 14.50 9.11
CA LYS A 186 7.86 15.54 10.15
C LYS A 186 8.84 15.27 11.30
N GLU A 187 8.99 14.00 11.68
CA GLU A 187 9.90 13.57 12.75
C GLU A 187 11.35 13.94 12.47
N GLU A 188 11.77 13.81 11.19
CA GLU A 188 13.15 14.01 10.78
C GLU A 188 13.41 15.39 10.17
N GLY A 189 12.40 16.26 10.16
CA GLY A 189 12.52 17.60 9.60
C GLY A 189 12.47 17.68 8.07
N PHE A 190 11.92 16.63 7.42
CA PHE A 190 11.77 16.67 5.98
C PHE A 190 10.48 17.43 5.66
N ARG A 191 10.35 17.89 4.41
CA ARG A 191 9.30 18.78 3.97
C ARG A 191 8.52 18.21 2.82
N PRO A 192 7.40 17.54 3.12
CA PRO A 192 6.64 16.91 2.04
C PRO A 192 5.87 17.93 1.21
N ILE A 193 5.86 17.71 -0.09
CA ILE A 193 5.08 18.52 -1.03
C ILE A 193 4.10 17.53 -1.57
N VAL A 194 2.79 17.70 -1.32
CA VAL A 194 1.87 16.69 -1.79
C VAL A 194 0.76 17.30 -2.59
N THR A 195 0.21 16.52 -3.50
CA THR A 195 -0.93 16.99 -4.30
C THR A 195 -2.20 16.25 -3.88
N VAL A 196 -3.33 16.97 -3.88
CA VAL A 196 -4.67 16.44 -3.60
C VAL A 196 -5.66 16.87 -4.68
N ARG A 197 -6.89 16.33 -4.67
CA ARG A 197 -7.98 16.68 -5.60
C ARG A 197 -9.09 17.45 -4.87
N ARG A 198 -9.01 17.52 -3.52
CA ARG A 198 -10.03 18.18 -2.70
C ARG A 198 -9.41 19.19 -1.75
N ASP A 199 -9.94 20.43 -1.75
CA ASP A 199 -9.50 21.49 -0.82
C ASP A 199 -9.65 21.06 0.66
N GLU A 200 -10.66 20.22 0.96
CA GLU A 200 -10.97 19.72 2.31
C GLU A 200 -9.85 18.83 2.89
N GLN A 201 -8.91 18.36 2.05
CA GLN A 201 -7.82 17.50 2.49
C GLN A 201 -6.56 18.30 2.80
N ILE A 202 -6.57 19.62 2.53
CA ILE A 202 -5.40 20.46 2.75
C ILE A 202 -5.08 20.55 4.25
N ALA A 203 -6.06 20.98 5.07
CA ALA A 203 -5.84 21.14 6.51
C ALA A 203 -5.34 19.86 7.17
N LEU A 204 -5.93 18.69 6.85
CA LEU A 204 -5.50 17.48 7.53
C LEU A 204 -4.08 17.09 7.17
N LEU A 205 -3.70 17.27 5.89
CA LEU A 205 -2.35 16.88 5.47
C LEU A 205 -1.33 17.83 6.03
N LYS A 206 -1.67 19.13 6.15
CA LYS A 206 -0.76 20.08 6.76
C LYS A 206 -0.62 19.79 8.25
N ASP A 207 -1.71 19.35 8.90
CA ASP A 207 -1.73 19.00 10.31
C ASP A 207 -0.74 17.89 10.64
N ILE A 208 -0.65 16.87 9.79
CA ILE A 208 0.25 15.75 10.05
C ILE A 208 1.69 16.05 9.63
N GLY A 209 1.93 17.17 8.92
CA GLY A 209 3.29 17.56 8.60
C GLY A 209 3.64 17.90 7.18
N ALA A 210 2.66 17.97 6.26
CA ALA A 210 3.02 18.33 4.88
C ALA A 210 3.40 19.80 4.84
N ALA A 211 4.53 20.11 4.18
CA ALA A 211 4.97 21.51 4.04
C ALA A 211 4.12 22.24 3.01
N HIS A 212 3.78 21.53 1.92
CA HIS A 212 2.93 22.08 0.87
C HIS A 212 1.87 21.09 0.50
N VAL A 213 0.65 21.57 0.25
CA VAL A 213 -0.45 20.72 -0.18
C VAL A 213 -1.06 21.43 -1.35
N LEU A 214 -0.94 20.88 -2.54
CA LEU A 214 -1.42 21.57 -3.74
C LEU A 214 -2.62 20.87 -4.32
N ASN A 215 -3.66 21.63 -4.63
CA ASN A 215 -4.86 21.09 -5.26
C ASN A 215 -4.58 21.11 -6.77
N GLU A 216 -4.46 19.91 -7.34
CA GLU A 216 -4.14 19.70 -8.75
CA GLU A 216 -4.14 19.69 -8.75
C GLU A 216 -5.24 20.23 -9.68
N LYS A 217 -6.47 20.44 -9.14
CA LYS A 217 -7.64 20.95 -9.86
C LYS A 217 -7.66 22.46 -9.97
N ALA A 218 -6.79 23.15 -9.20
CA ALA A 218 -6.72 24.61 -9.21
C ALA A 218 -6.29 25.13 -10.59
N PRO A 219 -6.90 26.24 -11.09
CA PRO A 219 -6.52 26.71 -12.43
C PRO A 219 -5.05 27.07 -12.56
N ASP A 220 -4.45 27.62 -11.47
CA ASP A 220 -3.05 28.05 -11.49
C ASP A 220 -2.11 26.98 -10.87
N PHE A 221 -2.53 25.70 -10.85
CA PHE A 221 -1.72 24.62 -10.29
C PHE A 221 -0.27 24.59 -10.83
N GLU A 222 -0.08 24.62 -12.17
CA GLU A 222 1.28 24.52 -12.73
C GLU A 222 2.15 25.70 -12.32
N ALA A 223 1.56 26.91 -12.28
CA ALA A 223 2.30 28.12 -11.88
C ALA A 223 2.70 28.04 -10.38
N THR A 224 1.77 27.62 -9.51
CA THR A 224 2.01 27.38 -8.08
C THR A 224 3.08 26.31 -7.95
N LEU A 225 2.94 25.24 -8.74
CA LEU A 225 3.89 24.14 -8.75
C LEU A 225 5.32 24.63 -8.98
N ARG A 226 5.55 25.44 -10.05
CA ARG A 226 6.86 25.96 -10.36
CA ARG A 226 6.84 26.04 -10.39
C ARG A 226 7.40 26.84 -9.23
N GLU A 227 6.53 27.62 -8.57
CA GLU A 227 6.96 28.47 -7.45
C GLU A 227 7.44 27.59 -6.31
N VAL A 228 6.71 26.52 -6.03
CA VAL A 228 7.07 25.61 -4.93
C VAL A 228 8.37 24.85 -5.28
N MSE A 229 8.49 24.36 -6.53
CA MSE A 229 9.71 23.66 -6.94
C MSE A 229 10.91 24.55 -6.81
O MSE A 229 11.95 24.09 -6.38
CB MSE A 229 9.62 23.16 -8.38
CG MSE A 229 8.55 22.14 -8.59
SE MSE A 229 8.69 20.57 -7.53
CE MSE A 229 7.33 21.01 -6.19
N LYS A 230 10.79 25.84 -7.18
CA LYS A 230 11.91 26.77 -7.09
C LYS A 230 12.28 27.00 -5.62
N ALA A 231 11.26 27.16 -4.76
CA ALA A 231 11.47 27.47 -3.34
C ALA A 231 12.04 26.28 -2.55
N GLU A 232 11.62 25.07 -2.90
CA GLU A 232 11.94 23.88 -2.09
C GLU A 232 13.03 22.98 -2.67
N GLN A 233 13.19 22.98 -4.00
CA GLN A 233 14.20 22.20 -4.74
C GLN A 233 14.20 20.69 -4.36
N PRO A 234 13.05 20.02 -4.36
CA PRO A 234 13.07 18.58 -4.06
C PRO A 234 13.73 17.75 -5.15
N ARG A 235 14.27 16.61 -4.77
CA ARG A 235 14.84 15.73 -5.78
C ARG A 235 14.07 14.42 -5.88
N ILE A 236 13.39 14.01 -4.81
CA ILE A 236 12.65 12.75 -4.89
C ILE A 236 11.21 13.01 -5.10
N PHE A 237 10.63 12.31 -6.10
CA PHE A 237 9.20 12.39 -6.35
C PHE A 237 8.66 10.98 -6.28
N LEU A 238 7.82 10.70 -5.27
CA LEU A 238 7.18 9.40 -5.06
C LEU A 238 5.83 9.50 -5.69
N ASP A 239 5.63 8.77 -6.78
CA ASP A 239 4.41 8.92 -7.55
C ASP A 239 3.51 7.69 -7.58
N ALA A 240 2.28 7.83 -7.08
CA ALA A 240 1.27 6.77 -7.09
C ALA A 240 0.27 6.94 -8.25
N VAL A 241 0.33 8.07 -8.97
CA VAL A 241 -0.72 8.45 -9.90
C VAL A 241 -0.32 8.31 -11.37
N THR A 242 0.89 8.82 -11.73
CA THR A 242 1.37 8.86 -13.10
C THR A 242 0.44 9.80 -13.87
N GLY A 243 0.39 9.65 -15.19
CA GLY A 243 -0.41 10.49 -16.06
C GLY A 243 0.07 11.93 -16.13
N PRO A 244 -0.81 12.81 -16.65
CA PRO A 244 -0.46 14.25 -16.81
C PRO A 244 -0.02 14.98 -15.55
N LEU A 245 -0.64 14.66 -14.39
CA LEU A 245 -0.23 15.31 -13.14
C LEU A 245 1.22 15.01 -12.84
N ALA A 246 1.60 13.74 -12.92
CA ALA A 246 2.98 13.38 -12.61
C ALA A 246 3.95 13.92 -13.68
N SER A 247 3.49 13.98 -14.94
CA SER A 247 4.28 14.52 -16.06
CA SER A 247 4.28 14.52 -16.06
C SER A 247 4.64 15.99 -15.77
N ALA A 248 3.65 16.77 -15.29
CA ALA A 248 3.81 18.19 -14.95
C ALA A 248 4.74 18.36 -13.78
N ILE A 249 4.58 17.52 -12.73
CA ILE A 249 5.43 17.62 -11.55
C ILE A 249 6.88 17.36 -11.95
N PHE A 250 7.14 16.22 -12.61
CA PHE A 250 8.48 15.87 -13.04
C PHE A 250 9.12 16.99 -13.87
N ASN A 251 8.36 17.55 -14.81
CA ASN A 251 8.84 18.62 -15.66
C ASN A 251 9.28 19.85 -14.86
N ALA A 252 8.58 20.18 -13.77
CA ALA A 252 8.86 21.36 -12.95
C ALA A 252 9.96 21.12 -11.93
N MSE A 253 10.33 19.85 -11.69
CA MSE A 253 11.33 19.61 -10.67
CA MSE A 253 11.37 19.46 -10.73
C MSE A 253 12.72 20.04 -11.10
O MSE A 253 13.03 20.14 -12.31
CB MSE A 253 11.32 18.14 -10.24
CB MSE A 253 11.55 17.91 -10.68
CG MSE A 253 10.13 17.81 -9.38
CG MSE A 253 10.33 17.08 -10.30
SE MSE A 253 10.08 15.92 -9.19
SE MSE A 253 9.93 16.82 -8.44
CE MSE A 253 11.38 15.73 -7.66
CE MSE A 253 11.54 15.95 -7.83
N PRO A 254 13.62 20.31 -10.10
CA PRO A 254 14.97 20.76 -10.45
C PRO A 254 15.83 19.61 -10.96
N LYS A 255 17.09 19.96 -11.29
CA LYS A 255 18.06 18.99 -11.78
C LYS A 255 18.26 17.84 -10.78
N ARG A 256 18.53 16.65 -11.33
CA ARG A 256 18.83 15.42 -10.61
C ARG A 256 17.58 14.82 -9.97
N ALA A 257 16.39 15.28 -10.38
CA ALA A 257 15.14 14.75 -9.89
C ALA A 257 14.97 13.30 -10.28
N ARG A 258 14.42 12.53 -9.34
CA ARG A 258 14.12 11.10 -9.54
C ARG A 258 12.62 10.91 -9.41
N TRP A 259 12.00 10.45 -10.49
CA TRP A 259 10.56 10.19 -10.54
C TRP A 259 10.42 8.73 -10.24
N ILE A 260 9.94 8.42 -9.02
CA ILE A 260 9.85 7.04 -8.53
C ILE A 260 8.39 6.63 -8.55
N ILE A 261 8.06 5.80 -9.53
CA ILE A 261 6.66 5.40 -9.74
C ILE A 261 6.38 4.16 -8.92
N TYR A 262 5.33 4.17 -8.10
CA TYR A 262 5.00 2.96 -7.31
C TYR A 262 3.49 2.61 -7.43
N GLY A 263 2.77 3.36 -8.24
CA GLY A 263 1.35 3.12 -8.50
C GLY A 263 0.95 3.80 -9.79
N ARG A 264 -0.24 3.44 -10.32
CA ARG A 264 -0.74 4.00 -11.59
C ARG A 264 -2.21 4.32 -11.42
N LEU A 265 -2.54 5.22 -10.48
CA LEU A 265 -3.92 5.57 -10.24
C LEU A 265 -4.57 6.24 -11.45
N ASP A 266 -3.79 6.96 -12.26
CA ASP A 266 -4.32 7.60 -13.46
C ASP A 266 -3.87 6.78 -14.66
N PRO A 267 -4.79 6.15 -15.42
CA PRO A 267 -4.36 5.40 -16.62
C PRO A 267 -4.11 6.30 -17.83
N ASP A 268 -4.42 7.61 -17.75
CA ASP A 268 -4.16 8.51 -18.89
C ASP A 268 -2.65 8.51 -19.23
N ALA A 269 -2.31 8.80 -20.50
CA ALA A 269 -0.93 8.75 -21.01
C ALA A 269 0.04 9.48 -20.10
N THR A 270 1.16 8.81 -19.75
CA THR A 270 2.25 9.39 -18.96
C THR A 270 3.32 9.85 -19.94
N VAL A 271 3.47 11.16 -20.04
CA VAL A 271 4.38 11.77 -21.01
C VAL A 271 5.62 12.27 -20.30
N ILE A 272 6.79 12.06 -20.90
CA ILE A 272 8.04 12.73 -20.48
C ILE A 272 8.00 14.00 -21.33
N ARG A 273 7.49 15.10 -20.73
CA ARG A 273 7.28 16.34 -21.45
CA ARG A 273 7.27 16.35 -21.43
C ARG A 273 8.55 16.86 -22.15
N GLU A 274 9.68 16.85 -21.46
CA GLU A 274 10.92 17.35 -22.04
C GLU A 274 12.00 16.33 -21.83
N PRO A 275 12.16 15.32 -22.72
CA PRO A 275 13.20 14.31 -22.52
C PRO A 275 14.60 14.91 -22.38
N GLY A 276 14.82 16.12 -22.91
CA GLY A 276 16.10 16.84 -22.76
C GLY A 276 16.48 17.02 -21.30
N GLN A 277 15.47 17.01 -20.39
CA GLN A 277 15.75 17.17 -18.95
C GLN A 277 16.48 15.94 -18.40
N LEU A 278 16.32 14.81 -19.03
CA LEU A 278 17.07 13.65 -18.56
CA LEU A 278 17.06 13.62 -18.61
C LEU A 278 18.52 13.81 -19.01
N ILE A 279 18.72 14.40 -20.19
CA ILE A 279 20.09 14.59 -20.72
C ILE A 279 20.83 15.66 -19.95
N PHE A 280 20.30 16.90 -19.98
CA PHE A 280 20.91 18.10 -19.45
C PHE A 280 20.69 18.36 -17.96
N GLN A 281 19.60 17.85 -17.38
CA GLN A 281 19.32 18.10 -15.96
CA GLN A 281 19.30 18.08 -15.96
C GLN A 281 19.47 16.80 -15.15
N HIS A 282 20.01 15.74 -15.77
CA HIS A 282 20.36 14.48 -15.10
C HIS A 282 19.18 13.85 -14.35
N LYS A 283 17.97 14.01 -14.87
CA LYS A 283 16.76 13.47 -14.23
C LYS A 283 16.67 11.97 -14.53
N HIS A 284 16.00 11.21 -13.62
CA HIS A 284 15.87 9.77 -13.73
C HIS A 284 14.43 9.38 -13.51
N ILE A 285 14.02 8.28 -14.09
CA ILE A 285 12.68 7.75 -13.87
C ILE A 285 12.84 6.29 -13.51
N GLU A 286 12.23 5.87 -12.40
CA GLU A 286 12.35 4.47 -11.98
C GLU A 286 11.04 4.02 -11.33
N GLY A 287 11.02 2.77 -10.89
CA GLY A 287 9.86 2.25 -10.17
C GLY A 287 10.25 1.78 -8.79
N PHE A 288 9.26 1.61 -7.95
CA PHE A 288 9.47 1.03 -6.65
C PHE A 288 8.41 -0.03 -6.46
N TRP A 289 8.83 -1.21 -5.99
CA TRP A 289 7.94 -2.33 -5.70
C TRP A 289 8.40 -2.94 -4.40
N LEU A 290 7.52 -2.89 -3.38
CA LEU A 290 7.92 -3.41 -2.05
C LEU A 290 8.42 -4.86 -2.12
N SER A 291 7.74 -5.73 -2.89
CA SER A 291 8.20 -7.13 -3.01
C SER A 291 9.62 -7.21 -3.54
N GLU A 292 9.98 -6.34 -4.53
CA GLU A 292 11.34 -6.31 -5.05
C GLU A 292 12.32 -5.77 -4.04
N TRP A 293 11.96 -4.70 -3.31
CA TRP A 293 12.81 -4.10 -2.31
C TRP A 293 13.18 -5.15 -1.24
N MSE A 294 12.19 -5.96 -0.81
CA MSE A 294 12.41 -7.01 0.21
CA MSE A 294 12.37 -7.02 0.20
C MSE A 294 13.34 -8.08 -0.30
O MSE A 294 14.12 -8.62 0.49
CB MSE A 294 11.10 -7.64 0.60
CB MSE A 294 11.02 -7.65 0.56
CG MSE A 294 10.44 -6.94 1.74
CG MSE A 294 10.03 -6.65 1.14
SE MSE A 294 8.73 -7.71 1.88
SE MSE A 294 10.27 -6.27 3.03
CE MSE A 294 7.93 -6.38 2.85
CE MSE A 294 8.85 -7.41 3.69
N ARG A 295 13.27 -8.39 -1.61
CA ARG A 295 14.15 -9.37 -2.27
CA ARG A 295 14.14 -9.38 -2.27
C ARG A 295 15.57 -8.84 -2.35
N GLN A 296 15.74 -7.59 -2.78
CA GLN A 296 17.06 -6.99 -2.97
C GLN A 296 17.72 -6.47 -1.69
N PHE A 297 16.94 -6.18 -0.65
CA PHE A 297 17.48 -5.63 0.58
C PHE A 297 17.06 -6.47 1.74
N LYS A 298 17.35 -7.78 1.66
CA LYS A 298 17.01 -8.75 2.70
C LYS A 298 17.50 -8.30 4.05
N GLU A 299 18.70 -7.70 4.10
CA GLU A 299 19.30 -7.18 5.33
C GLU A 299 18.55 -5.96 5.88
N ARG A 300 17.69 -5.30 5.07
CA ARG A 300 16.94 -4.13 5.54
C ARG A 300 15.52 -4.51 5.95
N ARG A 301 15.09 -5.70 5.53
CA ARG A 301 13.76 -6.26 5.77
C ARG A 301 13.50 -6.40 7.26
N GLY A 302 14.43 -7.06 7.96
CA GLY A 302 14.40 -7.28 9.41
C GLY A 302 14.27 -6.01 10.21
N PRO A 303 15.24 -5.05 10.07
CA PRO A 303 15.13 -3.77 10.79
C PRO A 303 13.85 -2.98 10.44
N ALA A 304 13.36 -3.03 9.17
CA ALA A 304 12.11 -2.30 8.85
C ALA A 304 10.91 -2.94 9.56
N ILE A 305 10.85 -4.29 9.60
CA ILE A 305 9.76 -5.03 10.28
C ILE A 305 9.83 -4.71 11.78
N LEU A 306 11.06 -4.69 12.35
CA LEU A 306 11.23 -4.38 13.77
C LEU A 306 10.85 -2.94 14.06
N GLU A 307 11.19 -2.00 13.16
CA GLU A 307 10.88 -0.57 13.31
C GLU A 307 9.36 -0.32 13.19
N ALA A 308 8.69 -1.00 12.22
CA ALA A 308 7.26 -0.85 12.01
C ALA A 308 6.50 -1.34 13.25
N GLN A 309 6.79 -2.57 13.72
CA GLN A 309 6.12 -3.10 14.91
CA GLN A 309 6.22 -3.15 14.95
C GLN A 309 6.45 -2.23 16.14
N LYS A 310 7.74 -1.84 16.33
CA LYS A 310 8.11 -0.98 17.45
C LYS A 310 7.26 0.32 17.47
N ARG A 311 7.02 0.92 16.29
CA ARG A 311 6.23 2.16 16.15
CA ARG A 311 6.23 2.16 16.15
C ARG A 311 4.77 1.92 16.53
N PHE A 312 4.25 0.71 16.24
CA PHE A 312 2.89 0.38 16.61
C PHE A 312 2.84 0.06 18.11
N SER A 313 3.87 -0.67 18.60
CA SER A 313 3.97 -1.06 20.01
CA SER A 313 3.99 -1.07 20.00
C SER A 313 4.19 0.13 20.93
N ASP A 314 5.00 1.12 20.52
CA ASP A 314 5.28 2.25 21.41
C ASP A 314 4.45 3.53 21.13
N GLY A 315 3.38 3.39 20.35
CA GLY A 315 2.47 4.51 20.12
C GLY A 315 2.79 5.50 19.03
N ARG A 316 4.01 5.43 18.42
CA ARG A 316 4.36 6.36 17.33
C ARG A 316 3.43 6.18 16.12
N TRP A 317 2.99 4.93 15.86
CA TRP A 317 2.06 4.62 14.77
C TRP A 317 0.82 3.95 15.31
N SER A 318 -0.38 4.38 14.84
N SER A 318 -0.34 4.40 14.82
CA SER A 318 -1.67 3.78 15.22
CA SER A 318 -1.65 3.86 15.14
C SER A 318 -2.71 4.06 14.12
C SER A 318 -2.58 4.08 13.94
N THR A 319 -3.14 2.99 13.41
CA THR A 319 -4.06 3.02 12.26
C THR A 319 -5.47 3.52 12.68
N VAL A 321 -8.80 4.32 9.75
CA VAL A 321 -9.83 3.27 9.82
C VAL A 321 -11.25 3.92 9.72
N THR A 322 -11.74 4.13 8.47
CA THR A 322 -13.07 4.70 8.31
C THR A 322 -14.16 3.66 8.53
N ALA A 323 -13.96 2.39 8.06
CA ALA A 323 -14.99 1.38 8.17
C ALA A 323 -14.45 -0.05 8.29
N VAL A 324 -15.17 -0.85 9.09
CA VAL A 324 -14.97 -2.29 9.21
C VAL A 324 -16.21 -2.90 8.55
N VAL A 325 -16.00 -3.56 7.42
CA VAL A 325 -17.12 -4.14 6.68
C VAL A 325 -17.17 -5.62 6.92
N PRO A 326 -18.32 -6.18 7.35
CA PRO A 326 -18.43 -7.64 7.46
C PRO A 326 -18.21 -8.26 6.10
N LEU A 327 -17.62 -9.44 6.07
CA LEU A 327 -17.37 -10.09 4.77
CA LEU A 327 -17.38 -10.15 4.81
C LEU A 327 -18.69 -10.28 4.02
N ALA A 328 -19.80 -10.56 4.72
CA ALA A 328 -21.13 -10.76 4.14
C ALA A 328 -21.67 -9.50 3.47
N GLU A 329 -21.13 -8.35 3.84
CA GLU A 329 -21.51 -7.04 3.31
C GLU A 329 -20.50 -6.48 2.32
N ALA A 330 -19.31 -7.11 2.17
CA ALA A 330 -18.23 -6.54 1.39
C ALA A 330 -18.56 -6.34 -0.10
N ILE A 331 -19.18 -7.34 -0.76
CA ILE A 331 -19.50 -7.21 -2.20
C ILE A 331 -20.38 -6.01 -2.41
N ALA A 332 -21.40 -5.87 -1.56
CA ALA A 332 -22.33 -4.79 -1.73
C ALA A 332 -21.79 -3.44 -1.34
N TRP A 333 -21.05 -3.32 -0.23
CA TRP A 333 -20.76 -1.99 0.30
C TRP A 333 -19.32 -1.54 0.39
N VAL A 334 -18.34 -2.37 0.02
CA VAL A 334 -16.96 -1.87 0.02
C VAL A 334 -16.85 -0.66 -1.00
N PRO A 335 -17.39 -0.69 -2.24
CA PRO A 335 -17.21 0.49 -3.13
C PRO A 335 -17.74 1.79 -2.54
N ALA A 336 -18.89 1.74 -1.84
CA ALA A 336 -19.45 2.92 -1.20
C ALA A 336 -18.52 3.43 -0.13
N GLU A 337 -17.89 2.53 0.63
CA GLU A 337 -16.97 2.94 1.68
C GLU A 337 -15.65 3.46 1.12
N LEU A 338 -15.19 2.92 -0.01
CA LEU A 338 -13.92 3.34 -0.59
C LEU A 338 -13.99 4.76 -1.17
N THR A 339 -15.19 5.25 -1.51
CA THR A 339 -15.38 6.61 -2.06
C THR A 339 -15.20 7.66 -0.98
N LYS A 340 -15.44 7.30 0.29
CA LYS A 340 -15.26 8.21 1.42
C LYS A 340 -13.80 8.68 1.46
N PRO A 341 -13.55 10.01 1.37
CA PRO A 341 -12.16 10.47 1.43
C PRO A 341 -11.60 10.24 2.83
N ASN A 342 -10.29 9.94 2.92
CA ASN A 342 -9.52 9.67 4.14
C ASN A 342 -9.95 8.34 4.78
N GLY A 343 -9.08 7.77 5.60
CA GLY A 343 -9.31 6.49 6.27
C GLY A 343 -9.27 5.25 5.39
N LYS A 344 -8.89 4.12 5.99
CA LYS A 344 -8.77 2.81 5.37
C LYS A 344 -10.03 1.95 5.67
N VAL A 345 -10.41 1.10 4.71
CA VAL A 345 -11.55 0.21 4.84
C VAL A 345 -11.00 -1.20 5.13
N PHE A 346 -11.61 -1.92 6.07
CA PHE A 346 -11.21 -3.28 6.43
C PHE A 346 -12.38 -4.22 6.22
N ILE A 347 -12.08 -5.50 5.96
CA ILE A 347 -13.06 -6.55 5.82
C ILE A 347 -12.93 -7.46 7.07
N ARG A 348 -14.06 -7.77 7.73
CA ARG A 348 -14.06 -8.66 8.88
CA ARG A 348 -14.08 -8.65 8.90
C ARG A 348 -14.78 -9.96 8.54
N PRO A 349 -14.03 -11.06 8.34
CA PRO A 349 -14.69 -12.34 8.03
C PRO A 349 -15.49 -12.90 9.23
C1 GOL B . -4.38 -13.99 -4.66
O1 GOL B . -5.76 -14.09 -4.65
C2 GOL B . -3.83 -13.12 -3.54
O2 GOL B . -4.92 -12.54 -2.81
C3 GOL B . -2.91 -14.06 -2.83
O3 GOL B . -1.84 -14.39 -3.81
C1 GOL C . -11.90 -22.39 -5.91
O1 GOL C . -11.73 -22.01 -7.24
C2 GOL C . -11.78 -23.79 -6.26
O2 GOL C . -13.15 -24.22 -6.44
C3 GOL C . -10.91 -24.43 -5.20
O3 GOL C . -11.72 -24.65 -4.08
C1 GOL D . 2.05 28.20 -0.81
O1 GOL D . 3.22 27.99 -0.07
C2 GOL D . 1.62 26.94 -1.58
O2 GOL D . 1.99 25.67 -0.99
C3 GOL D . 0.11 27.03 -1.48
O3 GOL D . -0.21 26.66 -2.79
P PO4 E . -10.99 -10.08 -18.22
O1 PO4 E . -10.54 -9.21 -19.50
O2 PO4 E . -12.48 -10.58 -18.40
O3 PO4 E . -10.96 -9.15 -16.97
O4 PO4 E . -9.98 -11.32 -18.14
P PO4 F . 25.33 20.00 -10.44
O1 PO4 F . 24.13 19.31 -9.67
O2 PO4 F . 24.93 21.35 -11.13
O3 PO4 F . 25.78 19.04 -11.60
O4 PO4 F . 26.50 20.24 -9.42
K K G . -7.93 -12.70 -18.63
#